data_5ZQG
#
_entry.id   5ZQG
#
_cell.length_a   56.576
_cell.length_b   92.434
_cell.length_c   58.029
_cell.angle_alpha   90.00
_cell.angle_beta   100.21
_cell.angle_gamma   90.00
#
_symmetry.space_group_name_H-M   'P 1 21 1'
#
loop_
_entity.id
_entity.type
_entity.pdbx_description
1 polymer 'Non-structural protein'
2 polymer 'PEPTIDE LEU-ALA-GLN-LEU-GLN-VAL-ALA'
3 water water
#
loop_
_entity_poly.entity_id
_entity_poly.type
_entity_poly.pdbx_seq_one_letter_code
_entity_poly.pdbx_strand_id
1 'polypeptide(L)'
;MAGLRKMAQPSGVVEKCIVRVCYGNMALNGLWLGDTVMCPRHVIASSTTSTIDYDYALSVLRLHNFSISSGNVFLGVVGV
TMRGALLQIKVNQNNVHTPKYTYRTVRPGESFNILACYDGAAAGVYGVNMRSNYTIRGSFINGAAGSPGYNINNGTVEFC
YLHQLELGSGCHVGSDLDGVMYGGYEDQPTLQVEGASSLFTENVLAFLYAALINGSTWWLSSSRIAVDRFNEWAVHNGMT
TVVNTDCFSILAAKTGVDVQRLLASIQSLHKNFGGKQILGYTSLTDEFTTGEVIRQMYGVLEHHHHHH
;
A,B
2 'polypeptide(L)' KLAQLQVAYHQ C
#
# COMPACT_ATOMS: atom_id res chain seq x y z
N ALA A 2 -2.61 -10.96 12.80
CA ALA A 2 -1.16 -11.10 12.60
C ALA A 2 -0.71 -10.43 11.32
N GLY A 3 0.57 -10.10 11.27
CA GLY A 3 1.17 -9.46 10.12
C GLY A 3 1.38 -7.98 10.33
N LEU A 4 2.27 -7.39 9.54
CA LEU A 4 2.45 -5.95 9.55
C LEU A 4 2.69 -5.54 8.12
N ARG A 5 1.85 -4.65 7.61
CA ARG A 5 1.96 -4.20 6.22
C ARG A 5 1.81 -2.71 6.16
N LYS A 6 2.61 -2.05 5.34
CA LYS A 6 2.38 -0.63 5.13
C LYS A 6 1.11 -0.52 4.30
N MET A 7 0.10 0.12 4.86
CA MET A 7 -1.15 0.22 4.12
C MET A 7 -1.67 1.64 4.08
N ALA A 8 -2.63 1.85 3.20
CA ALA A 8 -3.26 3.14 3.08
C ALA A 8 -4.66 3.06 3.64
N GLN A 9 -5.20 4.21 4.05
CA GLN A 9 -6.62 4.28 4.36
C GLN A 9 -7.39 4.28 3.05
N PRO A 10 -8.64 3.78 3.06
CA PRO A 10 -9.41 3.65 1.82
C PRO A 10 -9.50 4.99 1.09
N SER A 11 -9.35 4.97 -0.23
CA SER A 11 -9.16 6.21 -1.00
C SER A 11 -10.42 6.83 -1.59
N GLY A 12 -11.55 6.15 -1.44
CA GLY A 12 -12.77 6.55 -2.10
C GLY A 12 -13.16 8.01 -1.94
N VAL A 13 -13.12 8.49 -0.71
CA VAL A 13 -13.53 9.88 -0.48
C VAL A 13 -12.61 10.92 -1.13
N VAL A 14 -11.37 10.55 -1.41
CA VAL A 14 -10.43 11.46 -2.05
C VAL A 14 -10.47 11.36 -3.58
N GLU A 15 -10.79 10.16 -4.10
CA GLU A 15 -10.86 9.92 -5.54
C GLU A 15 -11.77 10.90 -6.28
N LYS A 16 -12.90 11.22 -5.66
CA LYS A 16 -13.88 12.10 -6.27
C LYS A 16 -13.45 13.56 -6.27
N CYS A 17 -12.28 13.85 -5.70
CA CYS A 17 -11.76 15.22 -5.66
C CYS A 17 -10.63 15.48 -6.66
N ILE A 18 -10.25 14.48 -7.44
CA ILE A 18 -9.14 14.65 -8.37
C ILE A 18 -9.63 15.22 -9.70
N VAL A 19 -8.93 16.23 -10.19
CA VAL A 19 -9.19 16.74 -11.53
C VAL A 19 -7.92 16.79 -12.37
N ARG A 20 -8.09 16.87 -13.68
CA ARG A 20 -6.99 17.08 -14.59
C ARG A 20 -6.87 18.58 -14.81
N VAL A 21 -5.66 19.12 -14.68
CA VAL A 21 -5.43 20.53 -14.96
C VAL A 21 -4.39 20.67 -16.07
N CYS A 22 -4.77 21.29 -17.18
CA CYS A 22 -3.86 21.46 -18.31
C CYS A 22 -3.69 22.94 -18.62
N TYR A 23 -2.46 23.35 -18.94
CA TYR A 23 -2.18 24.70 -19.42
C TYR A 23 -1.05 24.65 -20.45
N GLY A 24 -1.33 25.07 -21.67
CA GLY A 24 -0.34 25.03 -22.73
C GLY A 24 0.18 23.63 -22.96
N ASN A 25 1.49 23.45 -22.86
CA ASN A 25 2.12 22.15 -23.04
C ASN A 25 2.19 21.36 -21.74
N MET A 26 1.60 21.90 -20.68
CA MET A 26 1.70 21.31 -19.35
C MET A 26 0.41 20.63 -18.90
N ALA A 27 0.55 19.48 -18.26
CA ALA A 27 -0.61 18.77 -17.74
C ALA A 27 -0.24 18.10 -16.42
N LEU A 28 -1.09 18.32 -15.42
CA LEU A 28 -0.90 17.66 -14.14
C LEU A 28 -2.24 17.48 -13.43
N ASN A 29 -2.19 17.21 -12.12
CA ASN A 29 -3.40 16.96 -11.37
C ASN A 29 -3.74 18.11 -10.43
N GLY A 30 -5.02 18.26 -10.13
CA GLY A 30 -5.48 19.23 -9.16
C GLY A 30 -6.43 18.60 -8.14
N LEU A 31 -6.66 19.32 -7.05
CA LEU A 31 -7.54 18.88 -5.99
C LEU A 31 -8.73 19.83 -5.91
N TRP A 32 -9.92 19.28 -6.19
CA TRP A 32 -11.14 20.07 -6.32
C TRP A 32 -11.98 19.94 -5.04
N LEU A 33 -12.07 21.02 -4.28
CA LEU A 33 -12.80 21.03 -3.03
C LEU A 33 -13.66 22.27 -3.04
N GLY A 34 -14.97 22.13 -2.82
CA GLY A 34 -15.87 23.27 -2.96
C GLY A 34 -15.78 23.82 -4.37
N ASP A 35 -15.63 25.13 -4.50
CA ASP A 35 -15.51 25.71 -5.84
C ASP A 35 -14.07 26.11 -6.14
N THR A 36 -13.11 25.40 -5.57
CA THR A 36 -11.72 25.75 -5.81
C THR A 36 -10.90 24.52 -6.20
N VAL A 37 -9.98 24.73 -7.13
CA VAL A 37 -9.04 23.68 -7.51
C VAL A 37 -7.64 24.15 -7.14
N MET A 38 -6.93 23.31 -6.39
CA MET A 38 -5.53 23.59 -6.05
C MET A 38 -4.62 22.71 -6.88
N CYS A 39 -3.58 23.30 -7.43
CA CYS A 39 -2.60 22.52 -8.17
C CYS A 39 -1.24 23.18 -8.08
N PRO A 40 -0.17 22.42 -8.37
CA PRO A 40 1.16 23.05 -8.39
C PRO A 40 1.23 24.16 -9.43
N ARG A 41 1.87 25.27 -9.05
CA ARG A 41 1.89 26.43 -9.93
C ARG A 41 2.79 26.22 -11.14
N HIS A 42 3.62 25.19 -11.16
CA HIS A 42 4.50 25.02 -12.32
C HIS A 42 3.74 24.62 -13.59
N VAL A 43 2.44 24.36 -13.47
CA VAL A 43 1.63 24.06 -14.65
C VAL A 43 1.56 25.29 -15.57
N ILE A 44 1.81 26.48 -15.03
CA ILE A 44 1.82 27.68 -15.88
C ILE A 44 3.21 28.12 -16.31
N ALA A 45 4.22 27.31 -15.98
CA ALA A 45 5.59 27.56 -16.40
C ALA A 45 5.76 27.21 -17.88
N ILE A 52 12.03 30.41 -13.23
CA ILE A 52 10.69 30.88 -13.53
C ILE A 52 10.31 32.06 -12.64
N ASP A 53 9.86 33.16 -13.25
CA ASP A 53 9.17 34.21 -12.52
C ASP A 53 7.69 33.87 -12.54
N TYR A 54 7.23 33.24 -11.47
CA TYR A 54 5.85 32.78 -11.43
C TYR A 54 4.86 33.93 -11.41
N ASP A 55 5.26 35.08 -10.85
CA ASP A 55 4.37 36.22 -10.83
C ASP A 55 4.17 36.73 -12.24
N TYR A 56 5.23 36.75 -13.02
CA TYR A 56 5.08 37.20 -14.40
C TYR A 56 4.22 36.21 -15.18
N ALA A 57 4.45 34.92 -14.98
CA ALA A 57 3.66 33.88 -15.64
C ALA A 57 2.18 34.08 -15.37
N LEU A 58 1.84 34.35 -14.12
CA LEU A 58 0.46 34.57 -13.75
C LEU A 58 -0.08 35.83 -14.41
N SER A 59 0.78 36.84 -14.55
CA SER A 59 0.34 38.14 -15.06
C SER A 59 -0.07 38.11 -16.53
N VAL A 60 0.47 37.14 -17.27
CA VAL A 60 0.13 37.02 -18.69
C VAL A 60 -0.76 35.82 -18.99
N LEU A 61 -1.27 35.19 -17.93
CA LEU A 61 -2.16 34.04 -18.09
C LEU A 61 -3.40 34.40 -18.89
N ARG A 62 -3.81 33.53 -19.80
CA ARG A 62 -5.13 33.61 -20.40
C ARG A 62 -5.98 32.53 -19.76
N LEU A 63 -7.02 32.93 -19.03
CA LEU A 63 -7.88 31.97 -18.32
C LEU A 63 -8.42 30.87 -19.23
N HIS A 64 -8.71 31.22 -20.47
CA HIS A 64 -9.30 30.28 -21.41
C HIS A 64 -8.31 29.22 -21.88
N ASN A 65 -7.03 29.44 -21.58
CA ASN A 65 -6.00 28.47 -21.97
C ASN A 65 -5.95 27.30 -20.99
N PHE A 66 -6.69 27.42 -19.89
CA PHE A 66 -6.87 26.28 -18.97
C PHE A 66 -7.84 25.26 -19.52
N SER A 67 -7.57 23.99 -19.27
CA SER A 67 -8.55 22.94 -19.43
C SER A 67 -8.57 22.15 -18.13
N ILE A 68 -9.65 22.28 -17.37
CA ILE A 68 -9.79 21.58 -16.10
C ILE A 68 -10.98 20.65 -16.19
N SER A 69 -10.77 19.36 -15.89
CA SER A 69 -11.85 18.39 -16.02
C SER A 69 -11.90 17.36 -14.91
N SER A 70 -13.12 16.96 -14.58
CA SER A 70 -13.36 15.86 -13.64
C SER A 70 -14.02 14.76 -14.45
N GLY A 71 -13.25 13.74 -14.84
CA GLY A 71 -13.74 12.79 -15.82
C GLY A 71 -14.07 13.53 -17.09
N ASN A 72 -15.33 13.44 -17.51
CA ASN A 72 -15.78 14.10 -18.74
C ASN A 72 -16.35 15.49 -18.51
N VAL A 73 -16.40 15.92 -17.25
CA VAL A 73 -17.04 17.17 -16.89
C VAL A 73 -16.00 18.28 -16.86
N PHE A 74 -16.13 19.27 -17.74
CA PHE A 74 -15.20 20.38 -17.76
C PHE A 74 -15.63 21.51 -16.83
N LEU A 75 -14.65 22.15 -16.20
CA LEU A 75 -14.94 23.17 -15.21
C LEU A 75 -14.52 24.52 -15.77
N GLY A 76 -15.39 25.51 -15.63
CA GLY A 76 -15.07 26.85 -16.08
C GLY A 76 -14.18 27.55 -15.07
N VAL A 77 -13.14 28.24 -15.56
CA VAL A 77 -12.24 28.96 -14.67
C VAL A 77 -12.73 30.39 -14.44
N VAL A 78 -12.95 30.74 -13.18
CA VAL A 78 -13.42 32.07 -12.81
C VAL A 78 -12.27 33.02 -12.51
N GLY A 79 -11.24 32.51 -11.83
CA GLY A 79 -10.10 33.33 -11.46
C GLY A 79 -8.97 32.49 -10.91
N VAL A 80 -7.76 33.03 -10.91
CA VAL A 80 -6.59 32.33 -10.41
C VAL A 80 -5.81 33.22 -9.47
N THR A 81 -5.44 32.69 -8.31
CA THR A 81 -4.54 33.44 -7.43
C THR A 81 -3.39 32.55 -6.97
N MET A 82 -2.25 33.16 -6.68
CA MET A 82 -1.07 32.46 -6.21
C MET A 82 -1.26 32.10 -4.75
N ARG A 83 -0.86 30.89 -4.38
CA ARG A 83 -0.91 30.44 -2.99
C ARG A 83 0.39 29.71 -2.72
N GLY A 84 1.46 30.45 -2.43
CA GLY A 84 2.77 29.83 -2.30
C GLY A 84 3.13 29.09 -3.59
N ALA A 85 3.49 27.81 -3.47
CA ALA A 85 3.86 26.98 -4.61
C ALA A 85 2.65 26.34 -5.29
N LEU A 86 1.45 26.81 -4.95
CA LEU A 86 0.22 26.36 -5.57
C LEU A 86 -0.52 27.47 -6.29
N LEU A 87 -1.35 27.10 -7.25
CA LEU A 87 -2.39 27.98 -7.74
C LEU A 87 -3.68 27.64 -7.04
N GLN A 88 -4.43 28.67 -6.66
CA GLN A 88 -5.76 28.53 -6.12
C GLN A 88 -6.71 28.98 -7.22
N ILE A 89 -7.39 28.03 -7.85
CA ILE A 89 -8.17 28.31 -9.05
C ILE A 89 -9.64 28.26 -8.70
N LYS A 90 -10.33 29.39 -8.86
CA LYS A 90 -11.74 29.42 -8.58
C LYS A 90 -12.44 28.92 -9.84
N VAL A 91 -13.33 27.94 -9.67
CA VAL A 91 -14.03 27.36 -10.80
C VAL A 91 -15.53 27.62 -10.65
N ASN A 92 -16.28 27.38 -11.72
CA ASN A 92 -17.69 27.78 -11.73
C ASN A 92 -18.66 26.78 -11.11
N GLN A 93 -18.15 25.64 -10.64
CA GLN A 93 -19.00 24.62 -10.04
C GLN A 93 -18.46 24.12 -8.71
N ASN A 94 -19.37 23.86 -7.79
CA ASN A 94 -18.99 23.24 -6.53
C ASN A 94 -18.88 21.73 -6.71
N ASN A 95 -17.85 21.13 -6.12
CA ASN A 95 -17.75 19.68 -6.09
C ASN A 95 -18.72 19.13 -5.04
N VAL A 96 -19.83 18.54 -5.47
CA VAL A 96 -20.81 18.05 -4.51
C VAL A 96 -20.28 16.89 -3.69
N HIS A 97 -19.21 16.27 -4.15
CA HIS A 97 -18.63 15.15 -3.42
C HIS A 97 -17.46 15.58 -2.53
N THR A 98 -17.36 16.88 -2.25
CA THR A 98 -16.35 17.38 -1.33
C THR A 98 -16.58 16.77 0.04
N PRO A 99 -15.56 16.11 0.61
CA PRO A 99 -15.73 15.55 1.96
C PRO A 99 -15.53 16.60 3.02
N LYS A 100 -15.88 16.30 4.26
CA LYS A 100 -15.45 17.11 5.38
C LYS A 100 -13.92 17.03 5.40
N TYR A 101 -13.25 18.18 5.45
CA TYR A 101 -11.79 18.16 5.38
C TYR A 101 -11.09 19.25 6.18
N THR A 102 -9.82 18.99 6.47
CA THR A 102 -8.93 20.01 7.02
C THR A 102 -7.62 20.00 6.24
N TYR A 103 -6.77 21.00 6.49
CA TYR A 103 -5.39 20.96 6.07
C TYR A 103 -4.52 20.81 7.30
N ARG A 104 -3.43 20.05 7.19
CA ARG A 104 -2.41 20.02 8.23
C ARG A 104 -1.04 19.72 7.66
N THR A 105 -0.04 20.51 8.06
CA THR A 105 1.33 20.24 7.67
C THR A 105 1.90 19.14 8.54
N VAL A 106 2.47 18.11 7.91
CA VAL A 106 3.02 17.00 8.69
C VAL A 106 4.46 17.28 9.05
N ARG A 107 4.92 16.55 10.05
CA ARG A 107 6.26 16.71 10.57
C ARG A 107 7.05 15.45 10.23
N PRO A 108 8.39 15.56 10.22
CA PRO A 108 9.24 14.41 9.98
C PRO A 108 8.87 13.26 10.90
N GLY A 109 8.77 12.06 10.34
CA GLY A 109 8.48 10.87 11.12
C GLY A 109 7.02 10.46 11.07
N GLU A 110 6.18 11.35 10.55
CA GLU A 110 4.74 11.09 10.49
C GLU A 110 4.34 10.38 9.20
N SER A 111 3.34 9.53 9.31
CA SER A 111 2.85 8.76 8.16
C SER A 111 1.64 9.44 7.52
N PHE A 112 1.50 9.23 6.21
CA PHE A 112 0.28 9.64 5.52
C PHE A 112 0.11 8.82 4.26
N ASN A 113 -0.99 9.05 3.56
CA ASN A 113 -1.33 8.28 2.37
C ASN A 113 -1.11 9.10 1.13
N ILE A 114 -0.50 8.50 0.11
CA ILE A 114 -0.41 9.11 -1.22
C ILE A 114 -1.40 8.47 -2.18
N LEU A 115 -2.19 9.30 -2.85
CA LEU A 115 -3.03 8.85 -3.96
C LEU A 115 -2.32 9.32 -5.22
N ALA A 116 -1.62 8.41 -5.88
CA ALA A 116 -0.87 8.73 -7.09
C ALA A 116 -1.84 8.86 -8.25
N CYS A 117 -1.84 10.02 -8.90
CA CYS A 117 -2.78 10.33 -9.98
C CYS A 117 -2.07 10.69 -11.27
N TYR A 118 -2.69 10.31 -12.39
CA TYR A 118 -2.23 10.73 -13.72
C TYR A 118 -3.44 11.11 -14.54
N ASP A 119 -3.29 12.19 -15.32
CA ASP A 119 -4.38 12.66 -16.18
C ASP A 119 -5.66 12.91 -15.39
N GLY A 120 -5.52 13.33 -14.13
CA GLY A 120 -6.65 13.70 -13.32
C GLY A 120 -7.46 12.52 -12.82
N ALA A 121 -6.87 11.33 -12.83
CA ALA A 121 -7.50 10.14 -12.29
C ALA A 121 -6.55 9.39 -11.36
N ALA A 122 -7.08 8.94 -10.21
CA ALA A 122 -6.29 8.14 -9.28
C ALA A 122 -5.84 6.83 -9.92
N ALA A 123 -4.56 6.50 -9.77
CA ALA A 123 -4.00 5.27 -10.32
C ALA A 123 -3.59 4.28 -9.23
N GLY A 124 -3.13 4.80 -8.10
CA GLY A 124 -2.63 3.91 -7.06
C GLY A 124 -2.65 4.59 -5.71
N VAL A 125 -2.64 3.81 -4.64
CA VAL A 125 -2.61 4.38 -3.31
C VAL A 125 -1.63 3.62 -2.44
N TYR A 126 -0.80 4.35 -1.70
CA TYR A 126 0.19 3.72 -0.85
C TYR A 126 0.55 4.62 0.31
N GLY A 127 0.98 4.01 1.41
CA GLY A 127 1.39 4.80 2.55
C GLY A 127 2.85 5.24 2.48
N VAL A 128 3.12 6.40 3.07
CA VAL A 128 4.49 6.90 3.13
C VAL A 128 4.76 7.44 4.53
N ASN A 129 6.01 7.86 4.76
CA ASN A 129 6.43 8.46 6.01
C ASN A 129 7.38 9.60 5.70
N MET A 130 7.17 10.78 6.27
CA MET A 130 8.00 11.95 5.95
C MET A 130 9.40 11.82 6.55
N ARG A 131 10.41 11.86 5.69
CA ARG A 131 11.79 11.69 6.14
C ARG A 131 12.30 12.95 6.84
N SER A 132 13.41 12.80 7.56
CA SER A 132 13.98 13.92 8.29
C SER A 132 14.47 15.04 7.38
N ASN A 133 14.70 14.71 6.11
CA ASN A 133 15.11 15.71 5.12
C ASN A 133 13.93 16.21 4.29
N TYR A 134 12.72 15.89 4.76
CA TYR A 134 11.47 16.39 4.17
C TYR A 134 11.20 15.89 2.77
N THR A 135 11.69 14.69 2.48
CA THR A 135 11.36 13.99 1.24
C THR A 135 10.59 12.74 1.59
N ILE A 136 9.91 12.16 0.61
CA ILE A 136 9.27 10.85 0.79
C ILE A 136 9.77 9.84 -0.24
N ARG A 137 9.73 8.57 0.17
CA ARG A 137 10.09 7.41 -0.64
C ARG A 137 8.92 7.06 -1.54
N GLY A 138 8.72 7.83 -2.61
CA GLY A 138 7.55 7.61 -3.43
C GLY A 138 7.84 6.83 -4.69
N SER A 139 6.79 6.64 -5.47
CA SER A 139 6.92 6.13 -6.82
C SER A 139 6.04 7.03 -7.67
N PHE A 140 6.67 7.86 -8.49
CA PHE A 140 5.96 8.82 -9.32
C PHE A 140 6.74 8.96 -10.62
N ILE A 141 6.03 9.06 -11.74
CA ILE A 141 6.69 9.42 -12.99
C ILE A 141 6.04 10.69 -13.52
N ASN A 142 6.46 11.14 -14.69
CA ASN A 142 5.98 12.43 -15.17
C ASN A 142 4.46 12.44 -15.32
N GLY A 143 3.86 13.54 -14.89
CA GLY A 143 2.41 13.66 -14.85
C GLY A 143 1.82 13.50 -13.47
N ALA A 144 2.64 13.09 -12.50
CA ALA A 144 2.16 12.84 -11.14
C ALA A 144 1.97 14.08 -10.29
N ALA A 145 2.56 15.20 -10.70
CA ALA A 145 2.47 16.41 -9.89
C ALA A 145 1.01 16.72 -9.57
N GLY A 146 0.73 17.16 -8.34
CA GLY A 146 -0.64 17.44 -7.92
C GLY A 146 -1.32 16.26 -7.23
N SER A 147 -0.70 15.09 -7.26
CA SER A 147 -1.19 13.95 -6.48
C SER A 147 -1.25 14.31 -5.00
N PRO A 148 -2.38 14.02 -4.35
CA PRO A 148 -2.51 14.45 -2.95
C PRO A 148 -2.04 13.44 -1.92
N GLY A 149 -1.61 13.95 -0.76
CA GLY A 149 -1.34 13.14 0.42
C GLY A 149 -2.39 13.48 1.45
N TYR A 150 -2.82 12.48 2.21
CA TYR A 150 -3.97 12.66 3.08
C TYR A 150 -3.90 11.69 4.26
N ASN A 151 -4.60 12.05 5.34
CA ASN A 151 -4.97 11.09 6.36
C ASN A 151 -6.47 11.20 6.60
N ILE A 152 -7.10 10.13 7.08
CA ILE A 152 -8.51 10.21 7.41
C ILE A 152 -8.71 9.95 8.91
N ASN A 153 -9.38 10.89 9.58
CA ASN A 153 -9.66 10.77 11.01
C ASN A 153 -11.11 11.09 11.28
N ASN A 154 -11.88 10.08 11.69
CA ASN A 154 -13.31 10.26 11.98
C ASN A 154 -14.10 10.68 10.75
N GLY A 155 -13.67 10.21 9.58
CA GLY A 155 -14.32 10.58 8.34
C GLY A 155 -13.94 11.96 7.83
N THR A 156 -13.13 12.68 8.60
CA THR A 156 -12.58 13.96 8.15
C THR A 156 -11.27 13.72 7.43
N VAL A 157 -11.15 14.23 6.20
CA VAL A 157 -9.94 14.05 5.43
C VAL A 157 -9.01 15.19 5.75
N GLU A 158 -7.82 14.85 6.22
CA GLU A 158 -6.79 15.84 6.50
C GLU A 158 -5.80 15.84 5.35
N PHE A 159 -5.82 16.87 4.50
CA PHE A 159 -4.90 16.95 3.36
C PHE A 159 -3.59 17.55 3.82
N CYS A 160 -2.47 16.88 3.52
CA CYS A 160 -1.17 17.34 4.01
C CYS A 160 -0.10 17.49 2.96
N TYR A 161 -0.39 17.14 1.71
CA TYR A 161 0.66 17.11 0.70
C TYR A 161 0.06 17.24 -0.68
N LEU A 162 0.72 17.99 -1.55
CA LEU A 162 0.42 17.95 -2.98
C LEU A 162 1.75 17.77 -3.69
N HIS A 163 1.86 16.74 -4.52
CA HIS A 163 3.15 16.39 -5.10
C HIS A 163 3.68 17.47 -6.03
N GLN A 164 4.97 17.78 -5.90
CA GLN A 164 5.57 18.86 -6.71
C GLN A 164 6.69 18.39 -7.63
N LEU A 165 7.68 17.70 -7.08
CA LEU A 165 8.87 17.41 -7.88
C LEU A 165 9.68 16.23 -7.40
N GLU A 166 10.63 15.80 -8.23
CA GLU A 166 11.54 14.72 -7.88
C GLU A 166 12.95 15.29 -7.89
N LEU A 167 13.74 14.96 -6.87
CA LEU A 167 15.13 15.39 -6.82
C LEU A 167 16.02 14.44 -7.63
N GLY A 168 17.23 14.90 -7.99
CA GLY A 168 18.12 14.13 -8.83
C GLY A 168 18.35 12.70 -8.37
N SER A 169 18.26 12.48 -7.06
CA SER A 169 18.45 11.17 -6.47
C SER A 169 17.21 10.29 -6.57
N GLY A 170 16.12 10.88 -7.03
CA GLY A 170 14.90 10.12 -7.24
C GLY A 170 13.87 10.20 -6.12
N CYS A 171 14.19 10.91 -5.04
CA CYS A 171 13.22 11.07 -3.95
C CYS A 171 12.30 12.27 -4.18
N HIS A 172 11.22 12.32 -3.42
CA HIS A 172 10.08 13.14 -3.83
C HIS A 172 9.73 14.24 -2.85
N VAL A 173 9.39 15.39 -3.40
CA VAL A 173 9.09 16.59 -2.62
C VAL A 173 7.72 17.16 -2.99
N GLY A 174 6.96 17.57 -1.98
CA GLY A 174 5.68 18.20 -2.22
C GLY A 174 5.54 19.48 -1.42
N SER A 175 4.42 20.18 -1.58
CA SER A 175 4.08 21.29 -0.69
C SER A 175 2.92 20.86 0.20
N ASP A 176 2.70 21.60 1.30
CA ASP A 176 1.43 21.44 2.01
C ASP A 176 0.33 22.19 1.23
N LEU A 177 -0.91 22.12 1.72
CA LEU A 177 -2.01 22.74 1.00
C LEU A 177 -2.08 24.24 1.26
N ASP A 178 -1.20 24.74 2.13
CA ASP A 178 -1.01 26.18 2.31
C ASP A 178 -0.07 26.71 1.21
N GLY A 179 0.56 25.82 0.46
CA GLY A 179 1.48 26.23 -0.59
C GLY A 179 2.93 26.31 -0.12
N VAL A 180 3.18 25.81 1.09
CA VAL A 180 4.53 25.85 1.64
C VAL A 180 5.28 24.57 1.30
N MET A 181 6.38 24.69 0.55
CA MET A 181 7.15 23.51 0.19
C MET A 181 7.76 22.82 1.40
N TYR A 182 7.62 21.50 1.48
CA TYR A 182 8.26 20.76 2.57
C TYR A 182 9.77 20.87 2.42
N GLY A 183 10.44 21.18 3.52
CA GLY A 183 11.91 21.25 3.51
C GLY A 183 12.50 22.47 2.83
N GLY A 184 11.64 23.37 2.36
CA GLY A 184 12.10 24.60 1.74
C GLY A 184 12.71 24.44 0.36
N TYR A 185 12.57 23.24 -0.22
CA TYR A 185 12.98 23.04 -1.60
C TYR A 185 12.23 24.01 -2.49
N GLU A 186 12.86 24.41 -3.59
CA GLU A 186 12.27 25.35 -4.53
C GLU A 186 11.52 24.62 -5.62
N ASP A 187 10.37 25.15 -6.03
CA ASP A 187 9.72 24.57 -7.20
C ASP A 187 10.34 25.18 -8.46
N GLN A 188 11.62 24.88 -8.64
CA GLN A 188 12.42 25.37 -9.74
C GLN A 188 13.20 24.19 -10.31
N PRO A 189 13.49 24.22 -11.61
CA PRO A 189 14.22 23.15 -12.29
C PRO A 189 15.72 23.22 -12.04
N THR A 190 16.11 23.66 -10.84
CA THR A 190 17.51 23.89 -10.52
C THR A 190 18.14 22.71 -9.77
N LEU A 191 19.46 22.73 -9.69
CA LEU A 191 20.23 21.79 -8.90
C LEU A 191 19.92 21.92 -7.42
N GLN A 192 19.11 21.01 -6.90
CA GLN A 192 18.91 20.91 -5.47
C GLN A 192 19.26 19.48 -5.07
N VAL A 193 19.90 19.35 -3.92
CA VAL A 193 20.24 18.03 -3.41
C VAL A 193 19.61 17.90 -2.04
N GLU A 194 18.92 16.79 -1.79
CA GLU A 194 18.29 16.62 -0.50
C GLU A 194 19.34 16.45 0.58
N GLY A 195 19.01 16.87 1.79
CA GLY A 195 19.93 16.76 2.90
C GLY A 195 20.08 15.31 3.30
N ALA A 196 21.06 15.05 4.16
CA ALA A 196 21.20 13.73 4.76
C ALA A 196 19.94 13.45 5.56
N SER A 197 19.61 12.19 5.71
CA SER A 197 18.46 11.79 6.50
C SER A 197 18.88 10.78 7.54
N SER A 198 18.18 10.76 8.66
CA SER A 198 18.44 9.76 9.69
C SER A 198 17.21 8.90 9.90
N LEU A 199 17.43 7.66 10.32
CA LEU A 199 16.33 6.78 10.64
C LEU A 199 15.64 7.33 11.87
N PHE A 200 14.31 7.38 11.85
CA PHE A 200 13.54 7.82 13.00
C PHE A 200 13.47 6.69 13.98
N THR A 201 14.25 6.83 15.05
CA THR A 201 14.38 5.78 16.03
C THR A 201 13.05 5.38 16.65
N GLU A 202 12.18 6.37 16.88
CA GLU A 202 10.88 6.08 17.47
C GLU A 202 10.09 5.11 16.59
N ASN A 203 10.20 5.29 15.28
CA ASN A 203 9.54 4.41 14.34
C ASN A 203 10.16 3.02 14.30
N VAL A 204 11.49 2.96 14.37
CA VAL A 204 12.16 1.68 14.41
C VAL A 204 11.72 0.88 15.64
N LEU A 205 11.58 1.59 16.76
CA LEU A 205 11.11 0.96 17.98
C LEU A 205 9.71 0.37 17.79
N ALA A 206 8.81 1.14 17.15
CA ALA A 206 7.48 0.66 16.85
C ALA A 206 7.53 -0.62 16.03
N PHE A 207 8.39 -0.62 15.02
CA PHE A 207 8.56 -1.80 14.17
C PHE A 207 9.02 -3.03 14.97
N LEU A 208 9.97 -2.83 15.87
CA LEU A 208 10.44 -3.95 16.68
C LEU A 208 9.38 -4.46 17.66
N TYR A 209 8.54 -3.57 18.19
CA TYR A 209 7.41 -4.02 19.00
C TYR A 209 6.46 -4.86 18.16
N ALA A 210 6.20 -4.43 16.93
CA ALA A 210 5.36 -5.21 16.01
C ALA A 210 5.95 -6.59 15.79
N ALA A 211 7.27 -6.65 15.66
CA ALA A 211 7.96 -7.91 15.44
C ALA A 211 7.74 -8.85 16.63
N LEU A 212 7.92 -8.33 17.84
CA LEU A 212 7.68 -9.12 19.06
C LEU A 212 6.25 -9.65 19.15
N ILE A 213 5.28 -8.80 18.85
CA ILE A 213 3.87 -9.18 18.90
C ILE A 213 3.58 -10.28 17.86
N ASN A 214 4.37 -10.32 16.81
CA ASN A 214 4.25 -11.32 15.75
C ASN A 214 5.17 -12.52 15.93
N GLY A 215 5.75 -12.65 17.13
CA GLY A 215 6.55 -13.83 17.43
C GLY A 215 7.98 -13.81 16.95
N SER A 216 8.48 -12.66 16.51
CA SER A 216 9.87 -12.53 16.09
C SER A 216 10.69 -12.01 17.26
N THR A 217 11.55 -12.87 17.83
CA THR A 217 12.26 -12.53 19.05
C THR A 217 13.76 -12.84 19.03
N TRP A 218 14.23 -13.47 17.94
CA TRP A 218 15.63 -13.93 17.85
C TRP A 218 16.66 -12.83 18.09
N TRP A 219 16.26 -11.60 17.75
CA TRP A 219 17.16 -10.45 17.76
C TRP A 219 17.14 -9.74 19.12
N LEU A 220 16.24 -10.16 20.00
CA LEU A 220 16.02 -9.42 21.24
C LEU A 220 17.16 -9.53 22.25
N SER A 221 17.73 -8.39 22.58
CA SER A 221 18.85 -8.29 23.51
C SER A 221 18.44 -8.65 24.93
N SER A 222 19.35 -9.27 25.66
CA SER A 222 19.20 -9.37 27.11
C SER A 222 19.73 -8.06 27.68
N SER A 223 20.69 -7.48 26.97
CA SER A 223 21.27 -6.21 27.38
C SER A 223 20.31 -5.05 27.23
N ARG A 224 20.63 -3.96 27.92
CA ARG A 224 19.87 -2.73 27.87
C ARG A 224 20.84 -1.61 27.56
N ILE A 225 20.34 -0.51 27.01
CA ILE A 225 21.11 0.72 26.97
C ILE A 225 20.18 1.84 27.39
N ALA A 226 20.67 2.73 28.25
CA ALA A 226 19.88 3.87 28.70
C ALA A 226 19.64 4.79 27.51
N VAL A 227 18.52 5.50 27.53
CA VAL A 227 18.16 6.43 26.46
C VAL A 227 19.24 7.48 26.24
N ASP A 228 19.83 7.95 27.34
CA ASP A 228 20.92 8.92 27.28
C ASP A 228 22.11 8.42 26.46
N ARG A 229 22.58 7.23 26.80
CA ARG A 229 23.75 6.65 26.14
C ARG A 229 23.44 6.32 24.69
N PHE A 230 22.21 5.85 24.45
CA PHE A 230 21.82 5.54 23.08
C PHE A 230 21.87 6.79 22.19
N ASN A 231 21.37 7.90 22.73
CA ASN A 231 21.30 9.13 21.96
C ASN A 231 22.67 9.66 21.57
N GLU A 232 23.68 9.33 22.35
CA GLU A 232 25.05 9.71 22.03
C GLU A 232 25.57 8.89 20.86
N TRP A 233 25.24 7.60 20.84
CA TRP A 233 25.57 6.72 19.73
C TRP A 233 24.78 7.09 18.47
N ALA A 234 23.50 7.41 18.66
CA ALA A 234 22.59 7.68 17.54
C ALA A 234 23.11 8.76 16.58
N VAL A 235 23.54 9.89 17.13
CA VAL A 235 23.94 11.03 16.30
C VAL A 235 25.26 10.83 15.53
N HIS A 236 25.98 9.74 15.84
CA HIS A 236 27.17 9.37 15.10
C HIS A 236 26.85 8.21 14.14
N ASN A 237 25.60 7.76 14.15
CA ASN A 237 25.24 6.54 13.44
C ASN A 237 23.93 6.63 12.65
N GLY A 238 23.59 7.83 12.22
CA GLY A 238 22.49 8.04 11.29
C GLY A 238 21.12 7.70 11.83
N MET A 239 20.90 7.91 13.12
CA MET A 239 19.58 7.70 13.72
C MET A 239 19.21 8.90 14.58
N THR A 240 17.92 9.12 14.76
CA THR A 240 17.45 10.23 15.59
C THR A 240 17.53 9.88 17.07
N THR A 241 17.50 10.92 17.91
CA THR A 241 17.53 10.71 19.34
C THR A 241 16.12 10.40 19.85
N VAL A 242 16.06 9.68 20.98
CA VAL A 242 14.79 9.43 21.65
C VAL A 242 14.71 10.40 22.83
N VAL A 243 13.69 11.24 22.87
CA VAL A 243 13.54 12.18 24.00
C VAL A 243 12.51 11.70 25.01
N ASN A 244 11.38 11.19 24.51
CA ASN A 244 10.33 10.65 25.39
C ASN A 244 9.79 9.30 24.92
N THR A 245 9.36 8.49 25.88
CA THR A 245 9.01 7.11 25.59
C THR A 245 7.57 6.79 25.96
N ASP A 246 6.76 7.82 26.15
CA ASP A 246 5.35 7.67 26.48
C ASP A 246 4.60 6.90 25.41
N CYS A 247 5.00 7.08 24.16
CA CYS A 247 4.30 6.46 23.04
C CYS A 247 4.48 4.95 23.00
N PHE A 248 5.30 4.42 23.90
CA PHE A 248 5.56 2.98 23.95
C PHE A 248 4.98 2.28 25.15
N SER A 249 4.24 2.99 25.99
CA SER A 249 3.69 2.38 27.21
C SER A 249 2.79 1.18 26.92
N ILE A 250 1.87 1.35 25.98
CA ILE A 250 0.96 0.28 25.62
C ILE A 250 1.73 -0.92 25.06
N LEU A 251 2.67 -0.66 24.15
CA LEU A 251 3.38 -1.74 23.48
C LEU A 251 4.34 -2.45 24.44
N ALA A 252 4.95 -1.69 25.35
CA ALA A 252 5.82 -2.28 26.37
C ALA A 252 5.02 -3.17 27.32
N ALA A 253 3.82 -2.73 27.69
CA ALA A 253 2.93 -3.52 28.52
C ALA A 253 2.43 -4.78 27.81
N LYS A 254 2.11 -4.65 26.53
CA LYS A 254 1.59 -5.79 25.78
C LYS A 254 2.64 -6.88 25.62
N THR A 255 3.90 -6.47 25.52
CA THR A 255 4.98 -7.40 25.21
C THR A 255 5.84 -7.76 26.42
N GLY A 256 5.85 -6.89 27.43
CA GLY A 256 6.74 -7.05 28.56
C GLY A 256 8.19 -6.71 28.27
N VAL A 257 8.44 -6.00 27.16
CA VAL A 257 9.79 -5.59 26.78
C VAL A 257 9.93 -4.07 26.82
N ASP A 258 10.87 -3.56 27.61
CA ASP A 258 11.03 -2.11 27.67
C ASP A 258 11.92 -1.54 26.57
N VAL A 259 11.79 -0.23 26.37
CA VAL A 259 12.50 0.49 25.31
C VAL A 259 14.02 0.28 25.37
N GLN A 260 14.59 0.28 26.56
CA GLN A 260 16.04 0.12 26.70
C GLN A 260 16.59 -1.19 26.10
N ARG A 261 15.83 -2.26 26.20
CA ARG A 261 16.25 -3.53 25.59
C ARG A 261 16.18 -3.45 24.08
N LEU A 262 15.13 -2.79 23.58
CA LEU A 262 15.01 -2.60 22.13
C LEU A 262 16.10 -1.69 21.57
N LEU A 263 16.53 -0.69 22.33
CA LEU A 263 17.60 0.19 21.90
C LEU A 263 18.93 -0.55 21.75
N ALA A 264 19.22 -1.48 22.66
CA ALA A 264 20.40 -2.32 22.51
C ALA A 264 20.30 -3.20 21.26
N SER A 265 19.09 -3.71 21.01
CA SER A 265 18.85 -4.55 19.85
C SER A 265 19.10 -3.73 18.59
N ILE A 266 18.61 -2.50 18.57
CA ILE A 266 18.83 -1.61 17.44
C ILE A 266 20.31 -1.44 17.11
N GLN A 267 21.12 -1.26 18.13
CA GLN A 267 22.56 -1.10 17.95
C GLN A 267 23.20 -2.29 17.22
N SER A 268 22.79 -3.50 17.58
CA SER A 268 23.35 -4.70 16.95
C SER A 268 22.77 -4.95 15.56
N LEU A 269 21.52 -4.53 15.35
CA LEU A 269 20.83 -4.75 14.08
C LEU A 269 21.13 -3.67 13.05
N HIS A 270 21.64 -2.54 13.51
CA HIS A 270 21.93 -1.42 12.63
C HIS A 270 23.09 -1.75 11.72
N LYS A 271 24.09 -2.42 12.29
CA LYS A 271 25.24 -2.87 11.55
C LYS A 271 24.87 -4.07 10.69
N ASN A 272 24.22 -5.06 11.30
CA ASN A 272 23.96 -6.33 10.63
C ASN A 272 22.70 -7.05 11.09
N PHE A 273 22.00 -7.69 10.13
CA PHE A 273 20.91 -8.61 10.41
C PHE A 273 21.44 -10.04 10.29
N GLY A 274 22.68 -10.14 9.82
CA GLY A 274 23.39 -11.40 9.75
C GLY A 274 22.75 -12.47 8.90
N GLY A 275 21.94 -12.08 7.92
CA GLY A 275 21.36 -13.03 6.99
C GLY A 275 19.96 -13.49 7.35
N LYS A 276 19.49 -13.07 8.52
CA LYS A 276 18.12 -13.38 8.95
C LYS A 276 17.19 -12.26 8.54
N GLN A 277 15.90 -12.45 8.79
CA GLN A 277 14.89 -11.45 8.46
C GLN A 277 14.04 -11.14 9.68
N ILE A 278 13.46 -9.94 9.71
CA ILE A 278 12.47 -9.61 10.72
C ILE A 278 11.23 -9.12 9.99
N LEU A 279 10.15 -9.89 10.06
CA LEU A 279 8.93 -9.60 9.31
C LEU A 279 9.23 -9.34 7.82
N GLY A 280 10.20 -10.07 7.28
CA GLY A 280 10.54 -9.97 5.86
C GLY A 280 11.64 -8.96 5.54
N TYR A 281 11.96 -8.10 6.51
CA TYR A 281 12.98 -7.08 6.31
C TYR A 281 14.37 -7.60 6.62
N THR A 282 15.37 -7.07 5.91
CA THR A 282 16.76 -7.46 6.15
C THR A 282 17.55 -6.27 6.67
N SER A 283 16.86 -5.15 6.82
CA SER A 283 17.44 -3.93 7.37
C SER A 283 16.36 -3.25 8.20
N LEU A 284 16.77 -2.43 9.18
CA LEU A 284 15.81 -1.73 10.02
C LEU A 284 14.94 -0.79 9.18
N THR A 285 13.65 -0.74 9.50
CA THR A 285 12.76 0.20 8.82
C THR A 285 12.17 1.21 9.80
N ASP A 286 12.03 2.45 9.35
CA ASP A 286 11.42 3.50 10.14
C ASP A 286 10.13 4.03 9.50
N GLU A 287 9.50 3.21 8.67
CA GLU A 287 8.31 3.67 7.96
C GLU A 287 7.02 3.52 8.77
N PHE A 288 7.07 2.79 9.89
CA PHE A 288 5.86 2.57 10.71
C PHE A 288 5.90 3.37 11.99
N THR A 289 4.80 4.09 12.26
CA THR A 289 4.69 4.82 13.51
C THR A 289 4.09 3.94 14.59
N THR A 290 4.18 4.38 15.84
CA THR A 290 3.55 3.64 16.93
C THR A 290 2.05 3.54 16.70
N GLY A 291 1.45 4.60 16.16
CA GLY A 291 0.03 4.61 15.85
C GLY A 291 -0.39 3.55 14.85
N GLU A 292 0.35 3.43 13.74
CA GLU A 292 0.08 2.39 12.76
C GLU A 292 0.21 1.01 13.37
N VAL A 293 1.26 0.80 14.16
CA VAL A 293 1.49 -0.50 14.75
C VAL A 293 0.37 -0.87 15.72
N ILE A 294 0.01 0.05 16.61
CA ILE A 294 -1.07 -0.23 17.55
C ILE A 294 -2.39 -0.55 16.83
N ARG A 295 -2.71 0.21 15.78
CA ARG A 295 -3.92 -0.06 14.99
C ARG A 295 -3.91 -1.44 14.34
N GLN A 296 -2.78 -1.82 13.74
CA GLN A 296 -2.72 -3.11 13.05
C GLN A 296 -2.65 -4.31 13.98
N MET A 297 -2.17 -4.11 15.20
CA MET A 297 -2.08 -5.21 16.15
C MET A 297 -3.38 -5.36 16.93
N TYR A 298 -4.03 -4.24 17.25
CA TYR A 298 -5.12 -4.24 18.22
C TYR A 298 -6.42 -3.61 17.73
N GLY A 299 -6.37 -2.93 16.58
CA GLY A 299 -7.58 -2.36 16.02
C GLY A 299 -7.92 -1.03 16.62
N ALA B 2 10.53 8.19 -10.91
CA ALA B 2 11.40 7.16 -10.34
C ALA B 2 10.79 6.61 -9.07
N GLY B 3 11.35 5.50 -8.60
CA GLY B 3 10.88 4.85 -7.40
C GLY B 3 10.13 3.58 -7.72
N LEU B 4 9.91 2.76 -6.70
CA LEU B 4 9.08 1.57 -6.84
C LEU B 4 8.41 1.34 -5.51
N ARG B 5 7.08 1.30 -5.51
CA ARG B 5 6.33 1.04 -4.29
C ARG B 5 5.26 0.00 -4.53
N LYS B 6 5.00 -0.85 -3.55
CA LYS B 6 3.88 -1.77 -3.65
C LYS B 6 2.61 -0.96 -3.41
N MET B 7 1.77 -0.85 -4.43
CA MET B 7 0.59 0.01 -4.34
C MET B 7 -0.66 -0.81 -4.39
N ALA B 8 -1.75 -0.21 -3.97
CA ALA B 8 -3.08 -0.75 -4.22
C ALA B 8 -3.75 0.08 -5.29
N GLN B 9 -4.62 -0.54 -6.09
CA GLN B 9 -5.48 0.24 -6.97
C GLN B 9 -6.51 0.94 -6.10
N PRO B 10 -7.02 2.10 -6.55
CA PRO B 10 -7.92 2.89 -5.69
C PRO B 10 -9.18 2.10 -5.29
N SER B 11 -9.59 2.24 -4.04
CA SER B 11 -10.57 1.32 -3.47
C SER B 11 -12.00 1.79 -3.52
N GLY B 12 -12.23 3.01 -4.02
CA GLY B 12 -13.54 3.63 -3.95
C GLY B 12 -14.68 2.78 -4.46
N VAL B 13 -14.48 2.16 -5.62
CA VAL B 13 -15.54 1.38 -6.24
C VAL B 13 -15.91 0.14 -5.42
N VAL B 14 -14.97 -0.34 -4.61
CA VAL B 14 -15.23 -1.52 -3.79
C VAL B 14 -15.82 -1.16 -2.42
N GLU B 15 -15.48 0.03 -1.91
CA GLU B 15 -15.88 0.42 -0.56
C GLU B 15 -17.39 0.39 -0.35
N LYS B 16 -18.12 0.75 -1.41
CA LYS B 16 -19.57 0.85 -1.33
C LYS B 16 -20.26 -0.52 -1.35
N CYS B 17 -19.45 -1.58 -1.44
CA CYS B 17 -19.96 -2.96 -1.53
C CYS B 17 -19.78 -3.76 -0.25
N ILE B 18 -19.21 -3.13 0.77
CA ILE B 18 -18.95 -3.80 2.03
C ILE B 18 -20.16 -3.70 2.96
N VAL B 19 -20.54 -4.84 3.56
CA VAL B 19 -21.57 -4.87 4.58
C VAL B 19 -21.09 -5.63 5.81
N ARG B 20 -21.77 -5.41 6.93
CA ARG B 20 -21.52 -6.16 8.15
C ARG B 20 -22.50 -7.32 8.13
N VAL B 21 -22.01 -8.52 8.43
CA VAL B 21 -22.86 -9.70 8.53
C VAL B 21 -22.69 -10.34 9.89
N CYS B 22 -23.75 -10.34 10.68
CA CYS B 22 -23.73 -10.99 11.99
C CYS B 22 -24.71 -12.15 12.00
N TYR B 23 -24.32 -13.21 12.70
CA TYR B 23 -25.22 -14.31 13.00
C TYR B 23 -24.83 -14.85 14.37
N GLY B 24 -25.79 -14.91 15.28
CA GLY B 24 -25.52 -15.37 16.63
C GLY B 24 -24.41 -14.57 17.30
N ASN B 25 -23.38 -15.27 17.76
CA ASN B 25 -22.23 -14.64 18.42
C ASN B 25 -21.14 -14.19 17.45
N MET B 26 -21.37 -14.40 16.15
CA MET B 26 -20.34 -14.14 15.14
C MET B 26 -20.60 -12.88 14.33
N ALA B 27 -19.54 -12.17 13.98
CA ALA B 27 -19.66 -11.01 13.12
C ALA B 27 -18.45 -10.96 12.20
N LEU B 28 -18.71 -10.73 10.92
CA LEU B 28 -17.64 -10.55 9.96
C LEU B 28 -18.14 -9.65 8.84
N ASN B 29 -17.43 -9.62 7.73
CA ASN B 29 -17.81 -8.76 6.61
C ASN B 29 -18.41 -9.55 5.46
N GLY B 30 -19.25 -8.90 4.67
CA GLY B 30 -19.78 -9.50 3.46
C GLY B 30 -19.61 -8.56 2.28
N LEU B 31 -19.76 -9.12 1.08
CA LEU B 31 -19.65 -8.37 -0.15
C LEU B 31 -21.02 -8.32 -0.81
N TRP B 32 -21.58 -7.12 -0.90
CA TRP B 32 -22.95 -6.92 -1.39
C TRP B 32 -22.93 -6.46 -2.84
N LEU B 33 -23.38 -7.34 -3.73
CA LEU B 33 -23.40 -7.07 -5.18
C LEU B 33 -24.79 -7.45 -5.67
N GLY B 34 -25.44 -6.52 -6.37
CA GLY B 34 -26.83 -6.75 -6.77
C GLY B 34 -27.70 -6.99 -5.55
N ASP B 35 -28.47 -8.07 -5.57
CA ASP B 35 -29.27 -8.39 -4.39
C ASP B 35 -28.71 -9.60 -3.64
N THR B 36 -27.40 -9.80 -3.71
CA THR B 36 -26.76 -10.89 -2.98
C THR B 36 -25.60 -10.41 -2.11
N VAL B 37 -25.47 -11.00 -0.93
CA VAL B 37 -24.32 -10.77 -0.07
C VAL B 37 -23.54 -12.07 0.06
N MET B 38 -22.26 -12.01 -0.27
CA MET B 38 -21.39 -13.19 -0.12
C MET B 38 -20.57 -13.02 1.14
N CYS B 39 -20.45 -14.07 1.93
CA CYS B 39 -19.61 -14.01 3.11
C CYS B 39 -19.05 -15.38 3.48
N PRO B 40 -17.98 -15.42 4.28
CA PRO B 40 -17.49 -16.73 4.72
C PRO B 40 -18.57 -17.50 5.51
N ARG B 41 -18.67 -18.80 5.27
CA ARG B 41 -19.74 -19.57 5.88
C ARG B 41 -19.48 -19.80 7.36
N HIS B 42 -18.28 -19.50 7.84
CA HIS B 42 -18.01 -19.76 9.25
C HIS B 42 -18.80 -18.83 10.18
N VAL B 43 -19.43 -17.81 9.61
CA VAL B 43 -20.28 -16.92 10.42
C VAL B 43 -21.45 -17.67 11.04
N ILE B 44 -21.84 -18.82 10.47
CA ILE B 44 -22.97 -19.58 11.03
C ILE B 44 -22.56 -20.76 11.89
N ALA B 45 -21.26 -20.90 12.11
CA ALA B 45 -20.74 -21.98 12.95
C ALA B 45 -21.01 -21.70 14.43
N SER B 46 -21.26 -22.76 15.20
CA SER B 46 -21.44 -22.62 16.64
C SER B 46 -20.17 -22.06 17.28
N THR B 51 -14.62 -30.42 14.69
CA THR B 51 -15.00 -30.08 13.32
C THR B 51 -16.42 -29.51 13.24
N ILE B 52 -16.62 -28.62 12.28
CA ILE B 52 -17.92 -28.03 12.03
C ILE B 52 -18.57 -28.76 10.86
N ASP B 53 -19.81 -29.22 11.04
CA ASP B 53 -20.63 -29.73 9.94
C ASP B 53 -21.43 -28.55 9.41
N TYR B 54 -20.97 -27.92 8.34
CA TYR B 54 -21.61 -26.72 7.85
C TYR B 54 -23.00 -26.99 7.28
N ASP B 55 -23.23 -28.19 6.78
CA ASP B 55 -24.55 -28.54 6.25
C ASP B 55 -25.55 -28.63 7.39
N TYR B 56 -25.10 -29.16 8.52
CA TYR B 56 -25.94 -29.20 9.71
C TYR B 56 -26.22 -27.78 10.20
N ALA B 57 -25.17 -26.96 10.26
CA ALA B 57 -25.33 -25.57 10.70
C ALA B 57 -26.34 -24.84 9.82
N LEU B 58 -26.31 -25.10 8.52
CA LEU B 58 -27.25 -24.45 7.62
C LEU B 58 -28.68 -25.00 7.80
N SER B 59 -28.77 -26.28 8.12
CA SER B 59 -30.08 -26.93 8.27
C SER B 59 -30.88 -26.38 9.45
N VAL B 60 -30.18 -25.90 10.48
CA VAL B 60 -30.86 -25.40 11.70
C VAL B 60 -30.89 -23.87 11.73
N LEU B 61 -30.41 -23.25 10.67
CA LEU B 61 -30.34 -21.79 10.62
C LEU B 61 -31.73 -21.14 10.51
N ARG B 62 -31.92 -20.03 11.21
CA ARG B 62 -33.11 -19.20 11.02
C ARG B 62 -32.70 -17.91 10.31
N LEU B 63 -33.39 -17.58 9.22
CA LEU B 63 -33.06 -16.37 8.46
C LEU B 63 -33.13 -15.11 9.32
N HIS B 64 -34.08 -15.05 10.25
CA HIS B 64 -34.24 -13.85 11.08
C HIS B 64 -33.10 -13.64 12.08
N ASN B 65 -32.21 -14.62 12.19
CA ASN B 65 -31.07 -14.50 13.09
C ASN B 65 -29.91 -13.74 12.47
N PHE B 66 -29.94 -13.56 11.15
CA PHE B 66 -28.95 -12.72 10.49
C PHE B 66 -29.21 -11.26 10.79
N SER B 67 -28.13 -10.50 10.90
CA SER B 67 -28.21 -9.05 10.94
C SER B 67 -27.20 -8.54 9.93
N ILE B 68 -27.69 -8.01 8.81
CA ILE B 68 -26.82 -7.54 7.74
C ILE B 68 -27.06 -6.06 7.55
N SER B 69 -25.98 -5.26 7.61
CA SER B 69 -26.16 -3.82 7.51
C SER B 69 -25.12 -3.15 6.63
N SER B 70 -25.59 -2.11 5.92
CA SER B 70 -24.73 -1.22 5.15
C SER B 70 -24.80 0.11 5.86
N GLY B 71 -23.77 0.42 6.65
CA GLY B 71 -23.85 1.56 7.53
C GLY B 71 -24.92 1.26 8.58
N ASN B 72 -25.85 2.18 8.78
CA ASN B 72 -26.93 1.95 9.72
C ASN B 72 -28.22 1.45 9.05
N VAL B 73 -28.11 1.06 7.79
CA VAL B 73 -29.24 0.51 7.04
C VAL B 73 -29.21 -1.02 7.07
N PHE B 74 -30.24 -1.62 7.65
CA PHE B 74 -30.28 -3.07 7.72
C PHE B 74 -30.97 -3.68 6.51
N LEU B 75 -30.43 -4.79 6.01
CA LEU B 75 -30.98 -5.45 4.84
C LEU B 75 -31.81 -6.67 5.25
N GLY B 76 -32.96 -6.84 4.61
CA GLY B 76 -33.79 -8.00 4.87
C GLY B 76 -33.28 -9.24 4.16
N VAL B 77 -33.18 -10.35 4.90
CA VAL B 77 -32.67 -11.59 4.33
C VAL B 77 -33.80 -12.45 3.75
N VAL B 78 -33.64 -12.84 2.48
CA VAL B 78 -34.67 -13.55 1.72
C VAL B 78 -34.37 -15.06 1.64
N GLY B 79 -33.09 -15.41 1.60
CA GLY B 79 -32.70 -16.79 1.46
C GLY B 79 -31.20 -16.96 1.61
N VAL B 80 -30.76 -18.20 1.81
CA VAL B 80 -29.33 -18.50 1.94
C VAL B 80 -29.02 -19.79 1.19
N THR B 81 -27.91 -19.80 0.46
CA THR B 81 -27.44 -21.00 -0.21
C THR B 81 -25.96 -21.19 0.07
N MET B 82 -25.55 -22.45 0.22
CA MET B 82 -24.16 -22.81 0.40
C MET B 82 -23.42 -22.67 -0.93
N ARG B 83 -22.22 -22.08 -0.88
CA ARG B 83 -21.38 -21.94 -2.08
C ARG B 83 -19.94 -22.25 -1.70
N GLY B 84 -19.57 -23.53 -1.66
CA GLY B 84 -18.26 -23.90 -1.13
C GLY B 84 -18.07 -23.35 0.27
N ALA B 85 -16.98 -22.60 0.47
CA ALA B 85 -16.68 -22.01 1.79
C ALA B 85 -17.36 -20.66 2.00
N LEU B 86 -18.29 -20.31 1.12
CA LEU B 86 -19.08 -19.09 1.24
C LEU B 86 -20.56 -19.37 1.46
N LEU B 87 -21.27 -18.38 2.00
CA LEU B 87 -22.72 -18.34 1.88
C LEU B 87 -23.10 -17.29 0.85
N GLN B 88 -24.07 -17.62 0.00
CA GLN B 88 -24.70 -16.66 -0.88
C GLN B 88 -26.02 -16.28 -0.22
N ILE B 89 -26.10 -15.06 0.28
CA ILE B 89 -27.27 -14.62 1.01
C ILE B 89 -28.09 -13.66 0.15
N LYS B 90 -29.33 -14.06 -0.16
CA LYS B 90 -30.20 -13.23 -0.96
C LYS B 90 -30.87 -12.20 -0.06
N VAL B 91 -30.81 -10.92 -0.45
CA VAL B 91 -31.38 -9.85 0.35
C VAL B 91 -32.48 -9.12 -0.42
N ASN B 92 -33.27 -8.33 0.30
CA ASN B 92 -34.44 -7.67 -0.30
C ASN B 92 -34.16 -6.30 -0.92
N GLN B 93 -32.88 -5.95 -1.00
CA GLN B 93 -32.50 -4.67 -1.61
C GLN B 93 -31.31 -4.84 -2.56
N ASN B 94 -31.39 -4.19 -3.70
CA ASN B 94 -30.29 -4.14 -4.65
C ASN B 94 -29.27 -3.06 -4.28
N ASN B 95 -27.99 -3.41 -4.26
CA ASN B 95 -26.95 -2.40 -4.06
C ASN B 95 -26.84 -1.51 -5.30
N VAL B 96 -27.29 -0.26 -5.18
CA VAL B 96 -27.28 0.65 -6.32
C VAL B 96 -25.87 1.05 -6.73
N HIS B 97 -24.90 0.80 -5.86
CA HIS B 97 -23.50 1.12 -6.16
C HIS B 97 -22.71 -0.10 -6.64
N THR B 98 -23.41 -1.15 -7.08
CA THR B 98 -22.73 -2.34 -7.60
C THR B 98 -21.96 -1.98 -8.86
N PRO B 99 -20.64 -2.23 -8.87
CA PRO B 99 -19.92 -1.96 -10.10
C PRO B 99 -20.09 -3.06 -11.13
N LYS B 100 -19.66 -2.77 -12.34
CA LYS B 100 -19.43 -3.82 -13.31
C LYS B 100 -18.37 -4.73 -12.71
N TYR B 101 -18.63 -6.04 -12.66
CA TYR B 101 -17.69 -6.95 -12.01
C TYR B 101 -17.64 -8.34 -12.62
N THR B 102 -16.55 -9.03 -12.36
CA THR B 102 -16.38 -10.44 -12.69
C THR B 102 -15.75 -11.13 -11.48
N TYR B 103 -15.72 -12.46 -11.51
CA TYR B 103 -14.92 -13.24 -10.57
C TYR B 103 -13.77 -13.85 -11.35
N ARG B 104 -12.59 -13.92 -10.75
CA ARG B 104 -11.49 -14.72 -11.31
C ARG B 104 -10.62 -15.27 -10.19
N THR B 105 -10.23 -16.52 -10.32
CA THR B 105 -9.34 -17.18 -9.35
C THR B 105 -7.89 -16.85 -9.71
N VAL B 106 -7.15 -16.27 -8.77
CA VAL B 106 -5.75 -15.97 -9.09
C VAL B 106 -4.87 -17.18 -8.90
N ARG B 107 -3.70 -17.12 -9.52
CA ARG B 107 -2.72 -18.20 -9.46
C ARG B 107 -1.48 -17.69 -8.72
N PRO B 108 -0.64 -18.61 -8.22
CA PRO B 108 0.56 -18.18 -7.49
C PRO B 108 1.40 -17.18 -8.31
N GLY B 109 1.92 -16.17 -7.61
CA GLY B 109 2.73 -15.15 -8.24
C GLY B 109 1.95 -13.96 -8.75
N GLU B 110 0.62 -14.05 -8.74
CA GLU B 110 -0.21 -12.94 -9.21
C GLU B 110 -0.52 -11.94 -8.10
N SER B 111 -0.56 -10.66 -8.48
CA SER B 111 -0.86 -9.59 -7.54
C SER B 111 -2.34 -9.23 -7.55
N PHE B 112 -2.82 -8.78 -6.39
CA PHE B 112 -4.16 -8.21 -6.29
C PHE B 112 -4.22 -7.26 -5.11
N ASN B 113 -5.40 -6.69 -4.86
CA ASN B 113 -5.54 -5.69 -3.82
C ASN B 113 -6.40 -6.22 -2.71
N ILE B 114 -6.02 -5.95 -1.48
CA ILE B 114 -6.85 -6.32 -0.33
C ILE B 114 -7.49 -5.07 0.26
N LEU B 115 -8.81 -5.10 0.43
CA LEU B 115 -9.49 -4.07 1.19
C LEU B 115 -9.79 -4.67 2.57
N ALA B 116 -8.99 -4.30 3.57
CA ALA B 116 -9.13 -4.85 4.92
C ALA B 116 -10.33 -4.19 5.58
N CYS B 117 -11.28 -4.99 6.05
CA CYS B 117 -12.56 -4.50 6.57
C CYS B 117 -12.81 -5.03 7.95
N TYR B 118 -13.45 -4.18 8.77
CA TYR B 118 -13.89 -4.58 10.12
C TYR B 118 -15.27 -3.98 10.33
N ASP B 119 -16.17 -4.79 10.89
CA ASP B 119 -17.51 -4.30 11.24
C ASP B 119 -18.24 -3.76 10.02
N GLY B 120 -17.93 -4.34 8.86
CA GLY B 120 -18.60 -4.00 7.62
C GLY B 120 -18.16 -2.68 7.03
N ALA B 121 -16.97 -2.22 7.40
CA ALA B 121 -16.46 -0.97 6.88
C ALA B 121 -14.99 -1.11 6.53
N ALA B 122 -14.60 -0.58 5.38
CA ALA B 122 -13.21 -0.63 4.95
C ALA B 122 -12.31 0.14 5.91
N ALA B 123 -11.18 -0.44 6.28
CA ALA B 123 -10.25 0.18 7.20
C ALA B 123 -8.91 0.50 6.57
N GLY B 124 -8.48 -0.32 5.61
CA GLY B 124 -7.19 -0.12 4.98
C GLY B 124 -7.14 -0.83 3.64
N VAL B 125 -6.20 -0.42 2.81
CA VAL B 125 -6.07 -1.01 1.49
C VAL B 125 -4.60 -1.21 1.15
N TYR B 126 -4.26 -2.40 0.66
CA TYR B 126 -2.88 -2.69 0.33
C TYR B 126 -2.76 -3.76 -0.73
N GLY B 127 -1.66 -3.73 -1.47
CA GLY B 127 -1.42 -4.73 -2.49
C GLY B 127 -0.79 -5.99 -1.90
N VAL B 128 -1.12 -7.14 -2.49
CA VAL B 128 -0.55 -8.41 -2.06
C VAL B 128 -0.16 -9.22 -3.28
N ASN B 129 0.43 -10.38 -3.03
CA ASN B 129 0.83 -11.29 -4.09
C ASN B 129 0.62 -12.71 -3.59
N MET B 130 -0.10 -13.51 -4.36
CA MET B 130 -0.41 -14.89 -3.97
C MET B 130 0.84 -15.76 -3.95
N ARG B 131 1.14 -16.37 -2.82
CA ARG B 131 2.37 -17.15 -2.71
C ARG B 131 2.22 -18.54 -3.30
N SER B 132 3.37 -19.20 -3.51
CA SER B 132 3.39 -20.55 -4.06
C SER B 132 2.64 -21.56 -3.19
N ASN B 133 2.51 -21.28 -1.89
CA ASN B 133 1.74 -22.13 -1.00
C ASN B 133 0.30 -21.63 -0.79
N TYR B 134 -0.13 -20.75 -1.69
CA TYR B 134 -1.51 -20.24 -1.70
C TYR B 134 -1.90 -19.48 -0.44
N THR B 135 -0.93 -18.82 0.18
CA THR B 135 -1.21 -17.88 1.26
C THR B 135 -0.81 -16.48 0.82
N ILE B 136 -1.30 -15.46 1.51
CA ILE B 136 -0.84 -14.10 1.26
C ILE B 136 -0.23 -13.52 2.53
N ARG B 137 0.78 -12.69 2.32
CA ARG B 137 1.42 -11.96 3.41
C ARG B 137 0.59 -10.72 3.79
N GLY B 138 -0.43 -10.93 4.60
CA GLY B 138 -1.34 -9.84 4.90
C GLY B 138 -1.11 -9.27 6.28
N SER B 139 -2.01 -8.36 6.64
CA SER B 139 -2.13 -7.86 7.99
C SER B 139 -3.61 -7.87 8.27
N PHE B 140 -4.03 -8.78 9.13
CA PHE B 140 -5.44 -8.98 9.45
C PHE B 140 -5.51 -9.39 10.90
N ILE B 141 -6.47 -8.84 11.64
CA ILE B 141 -6.76 -9.33 12.99
C ILE B 141 -8.19 -9.84 13.07
N ASN B 142 -8.63 -10.25 14.26
CA ASN B 142 -9.98 -10.79 14.40
C ASN B 142 -11.04 -9.83 13.87
N GLY B 143 -11.96 -10.36 13.06
CA GLY B 143 -13.04 -9.57 12.48
C GLY B 143 -12.85 -9.26 11.01
N ALA B 144 -11.67 -9.60 10.49
CA ALA B 144 -11.32 -9.29 9.11
C ALA B 144 -11.92 -10.25 8.08
N ALA B 145 -12.46 -11.38 8.53
CA ALA B 145 -12.99 -12.35 7.57
C ALA B 145 -14.04 -11.70 6.68
N GLY B 146 -14.02 -12.04 5.40
CA GLY B 146 -14.94 -11.46 4.44
C GLY B 146 -14.37 -10.25 3.72
N SER B 147 -13.21 -9.78 4.16
CA SER B 147 -12.50 -8.70 3.45
C SER B 147 -12.19 -9.16 2.05
N PRO B 148 -12.55 -8.35 1.04
CA PRO B 148 -12.35 -8.79 -0.34
C PRO B 148 -11.00 -8.44 -0.95
N GLY B 149 -10.58 -9.28 -1.89
CA GLY B 149 -9.43 -9.02 -2.74
C GLY B 149 -9.95 -8.78 -4.15
N TYR B 150 -9.31 -7.88 -4.88
CA TYR B 150 -9.83 -7.40 -6.15
C TYR B 150 -8.71 -6.91 -7.05
N ASN B 151 -8.97 -6.90 -8.36
CA ASN B 151 -8.19 -6.13 -9.32
C ASN B 151 -9.16 -5.30 -10.14
N ILE B 152 -8.72 -4.16 -10.61
CA ILE B 152 -9.56 -3.33 -11.47
C ILE B 152 -8.97 -3.34 -12.87
N ASN B 153 -9.73 -3.87 -13.82
CA ASN B 153 -9.31 -3.94 -15.22
C ASN B 153 -10.27 -3.19 -16.12
N ASN B 154 -9.86 -2.02 -16.59
CA ASN B 154 -10.65 -1.22 -17.52
C ASN B 154 -12.07 -0.96 -17.03
N GLY B 155 -12.20 -0.53 -15.78
CA GLY B 155 -13.51 -0.20 -15.23
C GLY B 155 -14.29 -1.38 -14.68
N THR B 156 -13.80 -2.60 -14.92
CA THR B 156 -14.44 -3.78 -14.34
C THR B 156 -13.70 -4.24 -13.10
N VAL B 157 -14.41 -4.45 -12.00
CA VAL B 157 -13.78 -4.99 -10.79
C VAL B 157 -13.76 -6.51 -10.87
N GLU B 158 -12.57 -7.09 -10.76
CA GLU B 158 -12.42 -8.53 -10.77
C GLU B 158 -12.24 -8.99 -9.34
N PHE B 159 -13.24 -9.61 -8.74
CA PHE B 159 -13.09 -10.07 -7.37
C PHE B 159 -12.43 -11.44 -7.37
N CYS B 160 -11.38 -11.59 -6.56
CA CYS B 160 -10.60 -12.81 -6.59
C CYS B 160 -10.37 -13.47 -5.23
N TYR B 161 -10.85 -12.85 -4.16
CA TYR B 161 -10.51 -13.35 -2.82
C TYR B 161 -11.52 -12.82 -1.83
N LEU B 162 -11.93 -13.68 -0.90
CA LEU B 162 -12.62 -13.25 0.30
C LEU B 162 -11.88 -13.87 1.48
N HIS B 163 -11.46 -13.03 2.41
CA HIS B 163 -10.63 -13.51 3.50
C HIS B 163 -11.34 -14.51 4.40
N GLN B 164 -10.63 -15.57 4.75
CA GLN B 164 -11.25 -16.64 5.54
C GLN B 164 -10.62 -16.84 6.91
N LEU B 165 -9.31 -17.06 6.96
CA LEU B 165 -8.69 -17.34 8.25
C LEU B 165 -7.18 -17.15 8.28
N GLU B 166 -6.63 -17.23 9.49
CA GLU B 166 -5.21 -17.14 9.70
C GLU B 166 -4.72 -18.48 10.20
N LEU B 167 -3.65 -18.98 9.61
CA LEU B 167 -3.01 -20.20 10.10
C LEU B 167 -2.18 -19.90 11.35
N GLY B 168 -1.53 -20.90 11.90
CA GLY B 168 -0.77 -20.71 13.13
C GLY B 168 0.43 -19.82 12.97
N SER B 169 1.07 -19.91 11.81
CA SER B 169 2.27 -19.14 11.51
C SER B 169 1.98 -17.67 11.24
N GLY B 170 0.70 -17.32 11.22
CA GLY B 170 0.29 -15.96 10.92
C GLY B 170 -0.05 -15.75 9.45
N CYS B 171 0.04 -16.83 8.66
CA CYS B 171 -0.24 -16.76 7.23
C CYS B 171 -1.74 -16.62 6.97
N HIS B 172 -2.10 -15.92 5.91
CA HIS B 172 -3.50 -15.65 5.63
C HIS B 172 -4.05 -16.42 4.45
N VAL B 173 -5.23 -16.98 4.64
CA VAL B 173 -5.86 -17.78 3.60
C VAL B 173 -7.29 -17.32 3.33
N GLY B 174 -7.70 -17.38 2.07
CA GLY B 174 -9.04 -16.98 1.69
C GLY B 174 -9.61 -17.96 0.68
N SER B 175 -10.84 -17.72 0.26
CA SER B 175 -11.40 -18.47 -0.86
C SER B 175 -11.56 -17.53 -2.03
N ASP B 176 -11.74 -18.09 -3.22
CA ASP B 176 -12.20 -17.29 -4.35
C ASP B 176 -13.71 -17.06 -4.20
N LEU B 177 -14.31 -16.32 -5.12
CA LEU B 177 -15.71 -15.96 -4.98
C LEU B 177 -16.64 -17.08 -5.42
N ASP B 178 -16.05 -18.17 -5.94
CA ASP B 178 -16.82 -19.37 -6.19
C ASP B 178 -16.84 -20.27 -4.96
N GLY B 179 -16.18 -19.84 -3.90
CA GLY B 179 -16.16 -20.59 -2.65
C GLY B 179 -15.07 -21.66 -2.55
N VAL B 180 -14.16 -21.66 -3.51
CA VAL B 180 -13.03 -22.58 -3.48
C VAL B 180 -11.85 -22.02 -2.67
N MET B 181 -11.49 -22.70 -1.59
CA MET B 181 -10.38 -22.24 -0.77
C MET B 181 -9.07 -22.30 -1.50
N TYR B 182 -8.30 -21.20 -1.47
CA TYR B 182 -6.98 -21.24 -2.07
C TYR B 182 -6.12 -22.24 -1.34
N GLY B 183 -5.43 -23.10 -2.09
CA GLY B 183 -4.54 -24.07 -1.48
C GLY B 183 -5.23 -25.27 -0.87
N GLY B 184 -6.56 -25.27 -0.89
CA GLY B 184 -7.30 -26.40 -0.35
C GLY B 184 -7.31 -26.47 1.16
N TYR B 185 -6.86 -25.41 1.83
CA TYR B 185 -6.96 -25.33 3.28
C TYR B 185 -8.43 -25.41 3.70
N GLU B 186 -8.67 -25.95 4.88
CA GLU B 186 -10.03 -26.12 5.36
C GLU B 186 -10.48 -24.86 6.09
N ASP B 187 -11.72 -24.46 5.86
CA ASP B 187 -12.30 -23.37 6.65
C ASP B 187 -12.79 -23.94 7.97
N GLN B 188 -11.83 -24.37 8.78
CA GLN B 188 -12.07 -25.01 10.06
C GLN B 188 -11.04 -24.47 11.04
N PRO B 189 -11.29 -24.61 12.35
CA PRO B 189 -10.32 -24.13 13.33
C PRO B 189 -9.38 -25.24 13.78
N THR B 190 -9.28 -26.28 12.95
CA THR B 190 -8.36 -27.39 13.19
C THR B 190 -6.93 -26.95 12.94
N LEU B 191 -5.98 -27.78 13.37
CA LEU B 191 -4.57 -27.50 13.13
C LEU B 191 -4.20 -27.89 11.71
N GLN B 192 -3.86 -26.88 10.91
CA GLN B 192 -3.30 -27.09 9.59
C GLN B 192 -2.05 -26.24 9.52
N VAL B 193 -1.04 -26.72 8.81
CA VAL B 193 0.13 -25.90 8.57
C VAL B 193 0.24 -25.57 7.09
N GLU B 194 0.68 -24.35 6.81
CA GLU B 194 0.84 -23.88 5.46
C GLU B 194 1.87 -24.74 4.76
N GLY B 195 1.72 -24.89 3.45
CA GLY B 195 2.69 -25.64 2.67
C GLY B 195 4.02 -24.91 2.64
N ALA B 196 5.07 -25.60 2.22
CA ALA B 196 6.36 -24.96 2.04
C ALA B 196 6.17 -23.85 1.01
N SER B 197 6.79 -22.70 1.26
CA SER B 197 6.68 -21.59 0.32
C SER B 197 8.05 -21.25 -0.25
N SER B 198 8.06 -20.83 -1.50
CA SER B 198 9.30 -20.47 -2.17
C SER B 198 9.13 -19.06 -2.72
N LEU B 199 10.24 -18.33 -2.88
CA LEU B 199 10.19 -17.03 -3.51
C LEU B 199 9.82 -17.18 -4.97
N PHE B 200 8.95 -16.30 -5.46
CA PHE B 200 8.47 -16.41 -6.83
C PHE B 200 9.45 -15.78 -7.80
N THR B 201 10.26 -16.62 -8.44
CA THR B 201 11.40 -16.13 -9.21
C THR B 201 11.03 -15.16 -10.34
N GLU B 202 9.93 -15.41 -11.03
CA GLU B 202 9.55 -14.52 -12.13
C GLU B 202 9.28 -13.11 -11.63
N ASN B 203 8.80 -13.01 -10.40
CA ASN B 203 8.61 -11.71 -9.77
C ASN B 203 9.91 -11.08 -9.29
N VAL B 204 10.83 -11.90 -8.78
CA VAL B 204 12.16 -11.37 -8.46
C VAL B 204 12.81 -10.78 -9.71
N LEU B 205 12.66 -11.46 -10.84
CA LEU B 205 13.18 -10.93 -12.11
C LEU B 205 12.59 -9.56 -12.45
N ALA B 206 11.28 -9.43 -12.27
CA ALA B 206 10.63 -8.15 -12.53
C ALA B 206 11.20 -7.06 -11.62
N PHE B 207 11.39 -7.39 -10.34
CA PHE B 207 11.93 -6.46 -9.37
C PHE B 207 13.35 -6.01 -9.76
N LEU B 208 14.18 -6.96 -10.19
CA LEU B 208 15.56 -6.60 -10.57
C LEU B 208 15.59 -5.73 -11.82
N TYR B 209 14.65 -5.94 -12.73
CA TYR B 209 14.53 -5.03 -13.87
C TYR B 209 14.13 -3.63 -13.39
N ALA B 210 13.19 -3.53 -12.45
CA ALA B 210 12.83 -2.23 -11.88
C ALA B 210 14.06 -1.56 -11.26
N ALA B 211 14.87 -2.36 -10.56
CA ALA B 211 16.08 -1.85 -9.95
C ALA B 211 17.04 -1.29 -11.00
N LEU B 212 17.29 -2.03 -12.08
CA LEU B 212 18.17 -1.53 -13.16
C LEU B 212 17.66 -0.21 -13.75
N ILE B 213 16.36 -0.14 -14.00
CA ILE B 213 15.75 1.06 -14.55
C ILE B 213 15.93 2.26 -13.60
N ASN B 214 15.97 1.98 -12.30
CA ASN B 214 16.16 3.00 -11.28
C ASN B 214 17.62 3.24 -10.87
N GLY B 215 18.55 2.66 -11.63
CA GLY B 215 19.95 2.97 -11.45
C GLY B 215 20.67 2.09 -10.45
N SER B 216 20.01 1.03 -10.00
CA SER B 216 20.63 0.10 -9.06
C SER B 216 21.28 -1.05 -9.81
N THR B 217 22.61 -1.13 -9.74
CA THR B 217 23.35 -2.12 -10.51
C THR B 217 24.41 -2.87 -9.70
N TRP B 218 24.53 -2.56 -8.41
CA TRP B 218 25.62 -3.14 -7.60
C TRP B 218 25.64 -4.67 -7.56
N TRP B 219 24.46 -5.27 -7.70
CA TRP B 219 24.20 -6.69 -7.53
C TRP B 219 24.28 -7.42 -8.86
N LEU B 220 24.44 -6.67 -9.95
CA LEU B 220 24.35 -7.26 -11.30
C LEU B 220 25.56 -8.13 -11.63
N SER B 221 25.30 -9.40 -11.88
CA SER B 221 26.36 -10.36 -12.21
C SER B 221 26.84 -10.20 -13.65
N SER B 222 28.09 -10.58 -13.88
CA SER B 222 28.59 -10.62 -15.25
C SER B 222 28.41 -12.02 -15.83
N SER B 223 28.13 -12.98 -14.95
CA SER B 223 27.93 -14.37 -15.35
C SER B 223 26.49 -14.61 -15.83
N ARG B 224 26.27 -15.79 -16.39
CA ARG B 224 24.96 -16.18 -16.90
C ARG B 224 24.66 -17.62 -16.50
N ILE B 225 23.38 -17.95 -16.40
CA ILE B 225 22.94 -19.33 -16.24
C ILE B 225 21.66 -19.55 -17.05
N ALA B 226 21.58 -20.67 -17.76
CA ALA B 226 20.40 -21.02 -18.54
C ALA B 226 19.20 -21.26 -17.62
N VAL B 227 18.01 -20.95 -18.15
CA VAL B 227 16.77 -21.07 -17.40
C VAL B 227 16.59 -22.46 -16.78
N ASP B 228 16.76 -23.51 -17.57
CA ASP B 228 16.52 -24.86 -17.05
C ASP B 228 17.53 -25.31 -16.00
N ARG B 229 18.78 -24.88 -16.13
CA ARG B 229 19.78 -25.19 -15.12
C ARG B 229 19.51 -24.41 -13.83
N PHE B 230 19.08 -23.16 -13.98
CA PHE B 230 18.69 -22.39 -12.81
C PHE B 230 17.53 -23.07 -12.10
N ASN B 231 16.58 -23.58 -12.86
CA ASN B 231 15.37 -24.19 -12.28
C ASN B 231 15.69 -25.40 -11.44
N GLU B 232 16.67 -26.18 -11.87
CA GLU B 232 17.13 -27.31 -11.08
C GLU B 232 17.67 -26.84 -9.73
N TRP B 233 18.42 -25.75 -9.75
CA TRP B 233 18.95 -25.13 -8.53
C TRP B 233 17.81 -24.56 -7.67
N ALA B 234 16.86 -23.91 -8.33
CA ALA B 234 15.78 -23.21 -7.62
C ALA B 234 15.03 -24.10 -6.63
N VAL B 235 14.61 -25.27 -7.10
CA VAL B 235 13.78 -26.18 -6.30
C VAL B 235 14.54 -26.81 -5.13
N HIS B 236 15.84 -26.61 -5.06
CA HIS B 236 16.61 -27.05 -3.90
C HIS B 236 17.04 -25.84 -3.09
N ASN B 237 16.57 -24.65 -3.48
CA ASN B 237 16.99 -23.43 -2.81
C ASN B 237 15.88 -22.42 -2.50
N GLY B 238 14.66 -22.95 -2.34
CA GLY B 238 13.55 -22.16 -1.85
C GLY B 238 13.06 -21.12 -2.84
N MET B 239 13.20 -21.41 -4.12
CA MET B 239 12.71 -20.52 -5.18
C MET B 239 11.92 -21.31 -6.21
N THR B 240 10.99 -20.65 -6.88
CA THR B 240 10.17 -21.30 -7.89
C THR B 240 10.89 -21.36 -9.23
N THR B 241 10.45 -22.26 -10.09
CA THR B 241 11.00 -22.35 -11.42
C THR B 241 10.51 -21.19 -12.28
N VAL B 242 11.30 -20.86 -13.29
CA VAL B 242 10.94 -19.87 -14.28
C VAL B 242 10.32 -20.59 -15.47
N VAL B 243 9.10 -20.19 -15.81
CA VAL B 243 8.31 -20.81 -16.87
C VAL B 243 8.06 -19.81 -17.99
N ASN B 244 7.71 -18.59 -17.61
CA ASN B 244 7.43 -17.53 -18.57
C ASN B 244 8.63 -16.59 -18.69
N THR B 245 9.12 -16.38 -19.92
CA THR B 245 10.20 -15.43 -20.14
C THR B 245 9.87 -14.34 -21.17
N ASP B 246 8.89 -14.61 -22.04
CA ASP B 246 8.51 -13.64 -23.08
C ASP B 246 8.10 -12.29 -22.48
N CYS B 247 7.50 -12.35 -21.29
CA CYS B 247 7.06 -11.14 -20.59
C CYS B 247 8.21 -10.17 -20.31
N PHE B 248 9.44 -10.67 -20.29
CA PHE B 248 10.58 -9.83 -19.94
C PHE B 248 11.22 -9.13 -21.14
N SER B 249 10.71 -9.43 -22.34
CA SER B 249 11.30 -8.92 -23.58
C SER B 249 11.51 -7.40 -23.59
N ILE B 250 10.49 -6.63 -23.23
CA ILE B 250 10.62 -5.18 -23.24
C ILE B 250 11.59 -4.69 -22.16
N LEU B 251 11.57 -5.34 -21.00
CA LEU B 251 12.47 -4.93 -19.92
C LEU B 251 13.92 -5.24 -20.26
N ALA B 252 14.14 -6.39 -20.90
CA ALA B 252 15.47 -6.76 -21.34
C ALA B 252 15.97 -5.77 -22.39
N ALA B 253 15.06 -5.34 -23.26
CA ALA B 253 15.41 -4.40 -24.32
C ALA B 253 15.77 -3.02 -23.75
N LYS B 254 14.98 -2.55 -22.78
CA LYS B 254 15.19 -1.23 -22.21
C LYS B 254 16.47 -1.14 -21.38
N THR B 255 16.82 -2.23 -20.73
CA THR B 255 17.95 -2.25 -19.81
C THR B 255 19.22 -2.81 -20.43
N GLY B 256 19.06 -3.58 -21.49
CA GLY B 256 20.18 -4.23 -22.13
C GLY B 256 20.69 -5.42 -21.32
N VAL B 257 19.86 -5.89 -20.40
CA VAL B 257 20.23 -7.02 -19.55
C VAL B 257 19.26 -8.18 -19.73
N ASP B 258 19.81 -9.35 -20.04
CA ASP B 258 18.97 -10.51 -20.31
C ASP B 258 18.65 -11.32 -19.04
N VAL B 259 17.64 -12.17 -19.15
CA VAL B 259 17.18 -13.00 -18.03
C VAL B 259 18.28 -13.88 -17.46
N GLN B 260 19.13 -14.45 -18.32
CA GLN B 260 20.17 -15.35 -17.86
C GLN B 260 21.16 -14.67 -16.92
N ARG B 261 21.41 -13.39 -17.18
CA ARG B 261 22.26 -12.58 -16.34
C ARG B 261 21.58 -12.31 -14.98
N LEU B 262 20.29 -12.02 -15.01
CA LEU B 262 19.56 -11.80 -13.76
C LEU B 262 19.49 -13.07 -12.94
N LEU B 263 19.37 -14.22 -13.59
CA LEU B 263 19.34 -15.49 -12.86
C LEU B 263 20.65 -15.75 -12.12
N ALA B 264 21.77 -15.44 -12.77
CA ALA B 264 23.06 -15.58 -12.12
C ALA B 264 23.14 -14.63 -10.94
N SER B 265 22.64 -13.41 -11.12
CA SER B 265 22.61 -12.42 -10.04
C SER B 265 21.78 -12.93 -8.85
N ILE B 266 20.62 -13.53 -9.12
CA ILE B 266 19.79 -14.11 -8.07
C ILE B 266 20.55 -15.17 -7.27
N GLN B 267 21.29 -16.03 -7.96
CA GLN B 267 22.07 -17.04 -7.26
C GLN B 267 23.10 -16.41 -6.34
N SER B 268 23.79 -15.38 -6.84
CA SER B 268 24.81 -14.69 -6.04
C SER B 268 24.22 -13.93 -4.86
N LEU B 269 23.03 -13.34 -5.03
CA LEU B 269 22.37 -12.61 -3.95
C LEU B 269 22.01 -13.55 -2.80
N HIS B 270 21.87 -14.83 -3.11
CA HIS B 270 21.65 -15.82 -2.06
C HIS B 270 22.86 -15.98 -1.16
N LYS B 271 24.04 -15.70 -1.71
CA LYS B 271 25.28 -16.06 -1.03
C LYS B 271 25.87 -14.98 -0.11
N ASN B 272 25.30 -13.78 -0.18
CA ASN B 272 25.54 -12.76 0.84
C ASN B 272 24.19 -12.12 1.17
N PHE B 273 23.19 -12.97 1.42
CA PHE B 273 21.81 -12.50 1.54
C PHE B 273 21.59 -11.54 2.71
N GLY B 274 21.21 -10.31 2.38
CA GLY B 274 20.97 -9.28 3.39
C GLY B 274 22.09 -8.26 3.51
N GLY B 275 23.17 -8.47 2.79
CA GLY B 275 24.35 -7.61 2.88
C GLY B 275 24.11 -6.20 2.36
N LYS B 276 23.02 -6.05 1.62
CA LYS B 276 22.69 -4.77 1.05
C LYS B 276 21.29 -4.85 0.49
N GLN B 277 20.57 -3.74 0.54
CA GLN B 277 19.22 -3.65 0.01
C GLN B 277 19.27 -3.33 -1.47
N ILE B 278 18.15 -3.56 -2.15
CA ILE B 278 17.96 -3.09 -3.51
C ILE B 278 16.74 -2.17 -3.54
N LEU B 279 16.97 -0.91 -3.91
CA LEU B 279 15.94 0.13 -3.85
C LEU B 279 15.28 0.19 -2.48
N GLY B 280 16.06 -0.08 -1.44
CA GLY B 280 15.53 -0.08 -0.08
C GLY B 280 14.71 -1.29 0.30
N TYR B 281 14.70 -2.31 -0.56
CA TYR B 281 13.99 -3.56 -0.30
C TYR B 281 14.95 -4.69 -0.07
N THR B 282 14.46 -5.74 0.58
CA THR B 282 15.14 -7.03 0.61
C THR B 282 15.52 -7.40 -0.81
N SER B 283 16.75 -7.87 -1.03
CA SER B 283 17.25 -8.04 -2.39
C SER B 283 16.45 -9.02 -3.24
N LEU B 284 15.87 -10.05 -2.61
CA LEU B 284 15.07 -11.05 -3.35
C LEU B 284 13.56 -10.85 -3.18
N THR B 285 13.12 -9.62 -3.36
CA THR B 285 11.70 -9.28 -3.23
C THR B 285 10.92 -9.90 -4.38
N ASP B 286 9.82 -10.57 -4.04
CA ASP B 286 9.02 -11.31 -5.03
C ASP B 286 7.57 -10.87 -5.09
N GLU B 287 7.26 -9.69 -4.56
CA GLU B 287 5.86 -9.23 -4.54
C GLU B 287 5.44 -8.41 -5.75
N PHE B 288 6.38 -8.07 -6.64
CA PHE B 288 6.06 -7.27 -7.82
C PHE B 288 6.06 -8.12 -9.08
N THR B 289 5.01 -8.00 -9.87
CA THR B 289 4.93 -8.71 -11.14
C THR B 289 5.49 -7.85 -12.28
N THR B 290 5.74 -8.47 -13.43
CA THR B 290 6.20 -7.71 -14.59
C THR B 290 5.21 -6.58 -14.97
N GLY B 291 3.92 -6.89 -14.92
CA GLY B 291 2.90 -5.87 -15.17
C GLY B 291 2.96 -4.67 -14.22
N GLU B 292 3.12 -4.92 -12.92
CA GLU B 292 3.25 -3.83 -11.97
C GLU B 292 4.47 -2.98 -12.25
N VAL B 293 5.59 -3.64 -12.54
CA VAL B 293 6.81 -2.92 -12.81
C VAL B 293 6.67 -2.05 -14.06
N ILE B 294 6.13 -2.63 -15.13
CA ILE B 294 6.00 -1.89 -16.38
C ILE B 294 5.10 -0.67 -16.18
N ARG B 295 4.02 -0.84 -15.43
CA ARG B 295 3.16 0.32 -15.08
C ARG B 295 3.85 1.43 -14.30
N GLN B 296 4.60 1.09 -13.26
CA GLN B 296 5.30 2.11 -12.47
C GLN B 296 6.49 2.75 -13.15
N MET B 297 7.10 2.04 -14.09
CA MET B 297 8.26 2.59 -14.78
C MET B 297 7.81 3.48 -15.93
N TYR B 298 6.78 3.03 -16.65
CA TYR B 298 6.43 3.62 -17.94
C TYR B 298 5.00 4.16 -18.06
N GLY B 299 4.14 3.79 -17.11
CA GLY B 299 2.75 4.19 -17.19
C GLY B 299 1.91 3.12 -17.86
N LEU C 2 19.47 18.81 -11.40
CA LEU C 2 18.21 18.96 -12.11
C LEU C 2 17.01 18.41 -11.35
N ALA C 3 16.37 19.26 -10.54
CA ALA C 3 15.10 18.91 -9.92
C ALA C 3 14.08 18.74 -11.05
N GLN C 4 13.23 17.74 -10.94
CA GLN C 4 12.26 17.45 -11.99
C GLN C 4 10.86 17.76 -11.49
N LEU C 5 10.30 18.88 -11.95
CA LEU C 5 8.93 19.23 -11.63
C LEU C 5 7.98 18.35 -12.44
N GLN C 6 7.29 17.44 -11.75
CA GLN C 6 6.64 16.30 -12.41
C GLN C 6 5.31 16.56 -13.12
N VAL C 7 5.25 17.69 -13.82
CA VAL C 7 4.13 17.99 -14.69
C VAL C 7 4.29 17.13 -15.94
N ALA C 8 3.20 16.82 -16.62
CA ALA C 8 3.28 16.14 -17.92
C ALA C 8 3.27 17.18 -19.02
#